data_4JR2
#
_entry.id   4JR2
#
_cell.length_a   58.493
_cell.length_b   88.663
_cell.length_c   88.891
_cell.angle_alpha   90.00
_cell.angle_beta   90.00
_cell.angle_gamma   90.00
#
_symmetry.space_group_name_H-M   'P 21 21 21'
#
loop_
_entity.id
_entity.type
_entity.pdbx_description
1 polymer Procaspase-7
2 polymer Ac-DEVD-CMK
3 non-polymer 'CHLORIDE ION'
4 water water
#
loop_
_entity_poly.entity_id
_entity_poly.type
_entity_poly.pdbx_seq_one_letter_code
_entity_poly.pdbx_strand_id
1 'polypeptide(L)'
;SNATYQYNMNFEKLGKCIIINNKNFDKVTGMGVRNGTDKDAEALFKCFRSLGFDVIVYNDCSCAKMQDLLKKASEEDHTN
AACFACILLSHGEENVIYGKDGVTPIKDLTAHFRGDRCKTLLEKPKLFFIQACRGTELDDGIQAASGPINDTDANPRYKI
PVEADFLFAYSTVPGYYSWRSPGRGSWFVQALCSILEEHGKDLEIMQILTRVNDRVARHFESQSDDPHFHEKKQIPCVVS
MLTKELYFSQ
;
A,B
2 'polypeptide(L)' (ACE)DEVD(0QE) C,D
#
# COMPACT_ATOMS: atom_id res chain seq x y z
N ALA A 3 5.54 23.25 0.81
CA ALA A 3 5.12 22.91 2.17
C ALA A 3 3.64 22.53 2.24
N THR A 4 2.86 22.94 1.25
CA THR A 4 1.45 22.59 1.22
C THR A 4 1.29 21.13 0.81
N TYR A 5 2.35 20.56 0.28
CA TYR A 5 2.32 19.17 -0.16
C TYR A 5 3.07 18.24 0.76
N GLN A 6 3.62 18.77 1.84
CA GLN A 6 4.33 17.97 2.83
C GLN A 6 3.65 18.09 4.18
N TYR A 7 3.70 17.03 4.99
CA TYR A 7 3.23 17.10 6.37
C TYR A 7 4.02 18.13 7.12
N ASN A 8 3.32 18.94 7.91
CA ASN A 8 3.96 19.95 8.75
C ASN A 8 4.79 19.25 9.82
N MET A 9 6.07 19.60 9.90
CA MET A 9 7.02 19.03 10.85
CA MET A 9 6.94 19.00 10.90
C MET A 9 7.37 20.02 11.96
N ASN A 10 6.76 21.20 11.92
CA ASN A 10 7.07 22.23 12.92
C ASN A 10 6.39 21.97 14.25
N PHE A 11 6.90 20.97 14.98
CA PHE A 11 6.39 20.60 16.29
C PHE A 11 7.56 20.46 17.27
N GLU A 12 7.27 20.52 18.56
CA GLU A 12 8.31 20.36 19.59
C GLU A 12 9.04 19.03 19.42
N LYS A 13 8.27 18.01 19.04
CA LYS A 13 8.78 16.65 18.97
C LYS A 13 8.44 16.03 17.62
N LEU A 14 9.31 15.16 17.14
CA LEU A 14 8.96 14.41 15.94
C LEU A 14 7.84 13.45 16.30
N GLY A 15 8.00 12.75 17.43
CA GLY A 15 6.95 11.89 17.93
C GLY A 15 7.47 10.65 18.63
N LYS A 16 6.55 9.93 19.26
CA LYS A 16 6.88 8.67 19.92
CA LYS A 16 6.87 8.67 19.92
C LYS A 16 7.06 7.54 18.91
N CYS A 17 7.97 6.62 19.23
CA CYS A 17 8.18 5.42 18.43
C CYS A 17 8.22 4.24 19.38
N ILE A 18 7.24 3.36 19.27
CA ILE A 18 7.17 2.19 20.12
C ILE A 18 7.72 1.01 19.36
N ILE A 19 8.69 0.32 19.94
CA ILE A 19 9.21 -0.92 19.35
C ILE A 19 8.81 -2.09 20.24
N ILE A 20 8.06 -3.03 19.66
CA ILE A 20 7.74 -4.26 20.35
CA ILE A 20 7.72 -4.27 20.33
C ILE A 20 8.62 -5.39 19.83
N ASN A 21 9.48 -5.88 20.72
CA ASN A 21 10.51 -6.84 20.35
C ASN A 21 10.19 -8.18 20.95
N ASN A 22 9.51 -9.05 20.20
CA ASN A 22 9.08 -10.33 20.75
C ASN A 22 10.06 -11.44 20.37
N LYS A 23 10.80 -11.92 21.37
CA LYS A 23 11.86 -12.91 21.14
C LYS A 23 11.52 -14.32 21.61
N ASN A 24 10.97 -14.41 22.81
CA ASN A 24 10.76 -15.67 23.49
C ASN A 24 9.27 -15.90 23.64
N PHE A 25 8.83 -17.11 23.31
CA PHE A 25 7.40 -17.40 23.24
C PHE A 25 7.01 -18.54 24.18
N ASP A 26 5.80 -18.48 24.72
CA ASP A 26 5.31 -19.52 25.60
C ASP A 26 5.22 -20.85 24.86
N LYS A 27 5.49 -21.95 25.57
CA LYS A 27 5.50 -23.27 24.94
C LYS A 27 4.18 -23.56 24.25
N VAL A 28 3.08 -23.07 24.84
CA VAL A 28 1.74 -23.31 24.32
C VAL A 28 1.58 -22.83 22.87
N THR A 29 2.35 -21.82 22.48
CA THR A 29 2.27 -21.30 21.13
C THR A 29 3.01 -22.18 20.14
N GLY A 30 3.96 -22.96 20.65
CA GLY A 30 4.80 -23.79 19.80
C GLY A 30 5.79 -23.03 18.95
N MET A 31 5.93 -21.73 19.19
CA MET A 31 6.79 -20.88 18.36
C MET A 31 8.22 -20.80 18.89
N GLY A 32 9.19 -20.75 17.97
CA GLY A 32 10.60 -20.77 18.34
C GLY A 32 11.15 -19.42 18.73
N VAL A 33 12.28 -19.44 19.44
CA VAL A 33 12.97 -18.20 19.80
C VAL A 33 13.42 -17.47 18.53
N ARG A 34 13.20 -16.16 18.49
CA ARG A 34 13.53 -15.39 17.30
C ARG A 34 14.95 -14.82 17.37
N ASN A 35 15.93 -15.71 17.32
CA ASN A 35 17.32 -15.27 17.39
C ASN A 35 17.63 -14.26 16.30
N GLY A 36 18.35 -13.19 16.65
CA GLY A 36 18.59 -12.09 15.73
C GLY A 36 17.71 -10.89 16.00
N THR A 37 16.59 -11.09 16.71
CA THR A 37 15.68 -9.95 16.91
C THR A 37 16.27 -8.86 17.84
N ASP A 38 17.11 -9.23 18.80
CA ASP A 38 17.68 -8.22 19.70
C ASP A 38 18.57 -7.27 18.91
N LYS A 39 19.26 -7.80 17.93
CA LYS A 39 20.08 -7.01 17.02
C LYS A 39 19.22 -6.03 16.20
N ASP A 40 18.10 -6.52 15.68
CA ASP A 40 17.14 -5.68 14.97
C ASP A 40 16.66 -4.55 15.88
N ALA A 41 16.26 -4.91 17.10
CA ALA A 41 15.69 -3.93 18.01
C ALA A 41 16.73 -2.85 18.37
N GLU A 42 17.96 -3.27 18.61
CA GLU A 42 19.02 -2.31 18.90
C GLU A 42 19.32 -1.40 17.68
N ALA A 43 19.38 -2.01 16.50
CA ALA A 43 19.52 -1.23 15.26
C ALA A 43 18.40 -0.20 15.11
N LEU A 44 17.16 -0.65 15.30
CA LEU A 44 16.01 0.21 15.10
C LEU A 44 15.98 1.34 16.12
N PHE A 45 16.38 1.04 17.35
CA PHE A 45 16.42 2.07 18.38
C PHE A 45 17.33 3.20 17.89
N LYS A 46 18.52 2.85 17.44
CA LYS A 46 19.48 3.83 16.95
CA LYS A 46 19.47 3.84 16.96
C LYS A 46 18.99 4.58 15.71
N CYS A 47 18.47 3.85 14.73
CA CYS A 47 18.12 4.51 13.47
CA CYS A 47 18.06 4.45 13.46
C CYS A 47 16.86 5.38 13.60
N PHE A 48 15.88 4.95 14.39
CA PHE A 48 14.71 5.80 14.61
C PHE A 48 15.04 6.96 15.53
N ARG A 49 15.94 6.77 16.49
CA ARG A 49 16.35 7.85 17.38
CA ARG A 49 16.35 7.85 17.38
C ARG A 49 17.04 8.93 16.55
N SER A 50 17.83 8.50 15.56
CA SER A 50 18.57 9.44 14.73
CA SER A 50 18.57 9.44 14.72
CA SER A 50 18.57 9.45 14.73
C SER A 50 17.65 10.38 13.96
N LEU A 51 16.45 9.89 13.60
CA LEU A 51 15.46 10.68 12.87
C LEU A 51 14.84 11.72 13.80
N GLY A 52 14.81 11.40 15.09
CA GLY A 52 14.28 12.32 16.09
C GLY A 52 13.16 11.73 16.93
N PHE A 53 12.85 10.46 16.71
CA PHE A 53 11.77 9.82 17.46
C PHE A 53 12.15 9.57 18.90
N ASP A 54 11.17 9.67 19.79
CA ASP A 54 11.39 9.29 21.18
C ASP A 54 11.06 7.82 21.29
N VAL A 55 12.11 7.01 21.17
CA VAL A 55 11.94 5.56 21.07
C VAL A 55 11.88 4.89 22.44
N ILE A 56 10.96 3.93 22.58
CA ILE A 56 10.95 3.06 23.76
C ILE A 56 10.80 1.62 23.26
N VAL A 57 11.55 0.70 23.85
CA VAL A 57 11.49 -0.70 23.44
C VAL A 57 10.83 -1.55 24.53
N TYR A 58 9.86 -2.37 24.13
CA TYR A 58 9.22 -3.33 25.04
C TYR A 58 9.51 -4.74 24.57
N ASN A 59 9.84 -5.62 25.51
CA ASN A 59 10.28 -6.97 25.17
C ASN A 59 9.33 -8.08 25.57
N ASP A 60 9.20 -9.07 24.69
CA ASP A 60 8.40 -10.27 24.97
C ASP A 60 7.01 -9.93 25.51
N CYS A 61 6.25 -9.16 24.75
CA CYS A 61 4.93 -8.70 25.21
C CYS A 61 3.85 -9.72 24.95
N SER A 62 2.96 -9.91 25.94
CA SER A 62 1.77 -10.70 25.70
C SER A 62 0.86 -9.94 24.75
N CYS A 63 -0.10 -10.65 24.18
CA CYS A 63 -1.08 -10.03 23.31
C CYS A 63 -1.79 -8.88 24.01
N ALA A 64 -2.21 -9.11 25.26
CA ALA A 64 -2.91 -8.07 26.01
C ALA A 64 -2.01 -6.85 26.26
N LYS A 65 -0.73 -7.11 26.51
CA LYS A 65 0.22 -6.02 26.73
C LYS A 65 0.41 -5.20 25.44
N MET A 66 0.51 -5.88 24.30
CA MET A 66 0.64 -5.15 23.03
C MET A 66 -0.56 -4.23 22.79
N GLN A 67 -1.76 -4.75 23.02
CA GLN A 67 -2.95 -3.93 22.83
C GLN A 67 -2.97 -2.75 23.83
N ASP A 68 -2.64 -3.04 25.08
CA ASP A 68 -2.61 -2.00 26.10
C ASP A 68 -1.58 -0.91 25.79
N LEU A 69 -0.38 -1.31 25.36
CA LEU A 69 0.63 -0.32 25.00
C LEU A 69 0.15 0.63 23.92
N LEU A 70 -0.46 0.08 22.89
CA LEU A 70 -0.88 0.89 21.77
C LEU A 70 -2.11 1.72 22.15
N LYS A 71 -3.01 1.14 22.93
CA LYS A 71 -4.18 1.89 23.39
C LYS A 71 -3.76 3.07 24.26
N LYS A 72 -2.87 2.80 25.22
CA LYS A 72 -2.36 3.87 26.10
C LYS A 72 -1.64 4.94 25.28
N ALA A 73 -0.87 4.52 24.28
CA ALA A 73 -0.15 5.45 23.43
C ALA A 73 -1.13 6.34 22.66
N SER A 74 -2.22 5.74 22.19
CA SER A 74 -3.20 6.51 21.43
C SER A 74 -3.94 7.52 22.33
N GLU A 75 -3.86 7.31 23.64
CA GLU A 75 -4.57 8.17 24.59
C GLU A 75 -3.69 9.28 25.18
N GLU A 76 -2.40 9.26 24.83
CA GLU A 76 -1.50 10.34 25.19
C GLU A 76 -1.80 11.58 24.35
N ASP A 77 -1.32 12.74 24.80
CA ASP A 77 -1.49 14.00 24.08
C ASP A 77 -0.38 14.17 23.03
N HIS A 78 -0.73 14.06 21.76
CA HIS A 78 0.24 14.20 20.67
C HIS A 78 0.21 15.59 20.02
N THR A 79 -0.41 16.55 20.71
CA THR A 79 -0.55 17.90 20.16
C THR A 79 0.78 18.50 19.68
N ASN A 80 1.85 18.21 20.42
CA ASN A 80 3.15 18.80 20.14
C ASN A 80 4.07 17.86 19.39
N ALA A 81 3.50 16.82 18.79
CA ALA A 81 4.25 15.84 18.02
C ALA A 81 3.84 15.90 16.56
N ALA A 82 4.78 15.63 15.66
CA ALA A 82 4.51 15.69 14.24
C ALA A 82 3.90 14.39 13.70
N CYS A 83 4.16 13.28 14.38
CA CYS A 83 3.73 11.98 13.89
C CYS A 83 3.85 10.90 14.97
N PHE A 84 3.58 9.65 14.60
CA PHE A 84 3.69 8.53 15.53
C PHE A 84 4.19 7.33 14.73
N ALA A 85 5.07 6.54 15.34
CA ALA A 85 5.55 5.31 14.71
C ALA A 85 5.51 4.12 15.66
N CYS A 86 5.24 2.94 15.09
CA CYS A 86 5.29 1.72 15.88
C CYS A 86 5.96 0.64 15.02
N ILE A 87 6.89 -0.09 15.61
CA ILE A 87 7.56 -1.18 14.91
C ILE A 87 7.28 -2.48 15.66
N LEU A 88 6.78 -3.47 14.92
CA LEU A 88 6.46 -4.76 15.50
C LEU A 88 7.42 -5.81 14.98
N LEU A 89 8.07 -6.54 15.90
CA LEU A 89 9.00 -7.60 15.55
C LEU A 89 8.51 -8.90 16.18
N SER A 90 8.04 -9.83 15.36
CA SER A 90 7.51 -11.08 15.92
C SER A 90 7.29 -12.13 14.86
N HIS A 91 6.78 -13.28 15.31
CA HIS A 91 6.18 -14.24 14.38
C HIS A 91 4.85 -13.68 13.96
N GLY A 92 4.36 -14.12 12.80
CA GLY A 92 3.06 -13.69 12.32
C GLY A 92 2.50 -14.70 11.34
N GLU A 93 1.22 -14.58 11.08
CA GLU A 93 0.56 -15.49 10.15
C GLU A 93 -0.72 -14.78 9.82
N GLU A 94 -1.37 -15.19 8.72
CA GLU A 94 -2.62 -14.57 8.32
C GLU A 94 -2.37 -13.07 8.25
N ASN A 95 -3.29 -12.42 9.00
CA ASN A 95 -3.37 -10.98 9.29
CA ASN A 95 -3.29 -10.97 9.27
C ASN A 95 -3.10 -10.70 10.77
N VAL A 96 -2.36 -11.57 11.43
CA VAL A 96 -2.18 -11.40 12.87
C VAL A 96 -0.71 -11.41 13.23
N ILE A 97 -0.42 -11.03 14.46
CA ILE A 97 0.95 -11.00 14.96
C ILE A 97 0.98 -11.74 16.29
N TYR A 98 2.08 -12.43 16.56
CA TYR A 98 2.21 -13.14 17.83
C TYR A 98 2.67 -12.24 18.95
N GLY A 99 1.94 -12.31 20.06
CA GLY A 99 2.47 -11.90 21.34
C GLY A 99 3.11 -13.15 21.92
N LYS A 100 3.67 -13.05 23.12
CA LYS A 100 4.35 -14.20 23.69
C LYS A 100 3.40 -15.38 23.91
N ASP A 101 2.10 -15.10 24.04
CA ASP A 101 1.14 -16.12 24.46
C ASP A 101 0.10 -16.53 23.41
N GLY A 102 0.22 -16.01 22.19
CA GLY A 102 -0.73 -16.32 21.13
C GLY A 102 -0.80 -15.22 20.09
N VAL A 103 -1.89 -15.18 19.32
CA VAL A 103 -1.98 -14.20 18.22
C VAL A 103 -3.03 -13.11 18.48
N THR A 104 -2.80 -11.96 17.88
CA THR A 104 -3.74 -10.83 17.99
C THR A 104 -3.77 -10.10 16.66
N PRO A 105 -4.95 -9.61 16.25
CA PRO A 105 -5.05 -8.97 14.92
C PRO A 105 -4.30 -7.66 14.84
N ILE A 106 -3.57 -7.48 13.75
CA ILE A 106 -2.81 -6.25 13.54
C ILE A 106 -3.77 -5.07 13.49
N LYS A 107 -4.93 -5.26 12.84
CA LYS A 107 -5.91 -4.19 12.69
C LYS A 107 -6.39 -3.64 14.04
N ASP A 108 -6.45 -4.50 15.05
CA ASP A 108 -6.87 -4.07 16.39
C ASP A 108 -5.81 -3.17 17.04
N LEU A 109 -4.55 -3.41 16.71
CA LEU A 109 -3.45 -2.60 17.23
C LEU A 109 -3.47 -1.21 16.62
N THR A 110 -3.74 -1.14 15.33
CA THR A 110 -3.69 0.13 14.62
C THR A 110 -4.97 0.95 14.76
N ALA A 111 -6.08 0.28 15.06
CA ALA A 111 -7.38 0.97 15.12
C ALA A 111 -7.46 2.07 16.19
N HIS A 112 -6.65 1.94 17.24
CA HIS A 112 -6.60 2.93 18.31
C HIS A 112 -6.21 4.32 17.78
N PHE A 113 -5.58 4.35 16.62
CA PHE A 113 -5.02 5.58 16.05
C PHE A 113 -5.85 6.20 14.93
N ARG A 114 -6.97 5.56 14.62
CA ARG A 114 -7.94 6.13 13.67
C ARG A 114 -8.26 7.57 14.05
N GLY A 115 -8.56 8.37 13.03
CA GLY A 115 -8.78 9.79 13.23
C GLY A 115 -9.86 10.11 14.26
N ASP A 116 -10.87 9.26 14.33
CA ASP A 116 -11.97 9.51 15.27
C ASP A 116 -11.70 9.00 16.69
N ARG A 117 -10.57 8.32 16.90
CA ARG A 117 -10.22 7.75 18.20
C ARG A 117 -8.94 8.34 18.78
N CYS A 118 -8.17 9.06 17.96
CA CYS A 118 -6.95 9.70 18.43
C CYS A 118 -6.87 11.07 17.79
N LYS A 119 -7.56 12.03 18.39
CA LYS A 119 -7.75 13.33 17.78
C LYS A 119 -6.47 14.15 17.68
N THR A 120 -5.54 13.94 18.62
CA THR A 120 -4.30 14.72 18.58
C THR A 120 -3.30 14.23 17.52
N LEU A 121 -3.61 13.12 16.86
CA LEU A 121 -2.82 12.71 15.68
C LEU A 121 -3.61 12.92 14.39
N LEU A 122 -4.78 13.54 14.46
CA LEU A 122 -5.55 13.82 13.25
CA LEU A 122 -5.55 13.84 13.25
C LEU A 122 -4.72 14.65 12.26
N GLU A 123 -4.74 14.22 11.00
CA GLU A 123 -3.96 14.83 9.91
C GLU A 123 -2.45 14.68 10.05
N LYS A 124 -2.02 13.81 10.95
CA LYS A 124 -0.58 13.52 11.12
C LYS A 124 -0.32 12.08 10.73
N PRO A 125 0.88 11.80 10.21
CA PRO A 125 1.15 10.43 9.77
C PRO A 125 1.28 9.47 10.94
N LYS A 126 0.70 8.28 10.76
CA LYS A 126 0.79 7.20 11.73
C LYS A 126 1.42 6.01 11.00
N LEU A 127 2.63 5.64 11.43
CA LEU A 127 3.47 4.72 10.66
C LEU A 127 3.64 3.41 11.41
N PHE A 128 3.40 2.31 10.71
CA PHE A 128 3.58 0.98 11.31
C PHE A 128 4.53 0.16 10.45
N PHE A 129 5.58 -0.33 11.07
CA PHE A 129 6.58 -1.17 10.41
C PHE A 129 6.49 -2.54 11.01
N ILE A 130 6.29 -3.55 10.17
CA ILE A 130 5.96 -4.88 10.69
C ILE A 130 6.86 -5.97 10.11
N GLN A 131 7.72 -6.52 10.95
CA GLN A 131 8.55 -7.67 10.58
C GLN A 131 7.89 -8.92 11.13
N ALA A 132 7.33 -9.72 10.22
CA ALA A 132 6.61 -10.95 10.56
C ALA A 132 6.15 -11.60 9.28
N CYS A 133 5.96 -12.92 9.32
CA CYS A 133 5.38 -13.64 8.20
C CYS A 133 3.91 -13.24 8.05
N ARG A 134 3.38 -13.48 6.85
CA ARG A 134 2.01 -13.12 6.55
C ARG A 134 1.36 -14.26 5.77
N GLY A 135 1.82 -15.48 6.03
CA GLY A 135 1.27 -16.64 5.36
C GLY A 135 -0.12 -17.01 5.87
N LYS A 159 -15.23 15.41 7.12
CA LYS A 159 -14.24 16.37 6.63
C LYS A 159 -12.93 15.68 6.24
N ILE A 160 -12.42 14.82 7.11
CA ILE A 160 -11.27 13.96 6.77
CA ILE A 160 -11.25 13.97 6.84
C ILE A 160 -11.61 12.50 7.08
N PRO A 161 -11.26 11.60 6.14
CA PRO A 161 -11.56 10.18 6.41
C PRO A 161 -10.83 9.63 7.64
N VAL A 162 -11.51 8.79 8.41
CA VAL A 162 -10.90 8.27 9.62
C VAL A 162 -9.76 7.29 9.35
N GLU A 163 -9.70 6.76 8.14
CA GLU A 163 -8.65 5.81 7.80
C GLU A 163 -7.46 6.48 7.11
N ALA A 164 -7.53 7.80 6.95
CA ALA A 164 -6.44 8.53 6.28
C ALA A 164 -5.19 8.65 7.15
N ASP A 165 -4.07 8.86 6.46
CA ASP A 165 -2.78 9.22 7.08
C ASP A 165 -2.12 8.07 7.84
N PHE A 166 -2.47 6.83 7.47
CA PHE A 166 -1.72 5.66 7.94
C PHE A 166 -0.78 5.21 6.85
N LEU A 167 0.37 4.65 7.25
CA LEU A 167 1.24 3.93 6.32
C LEU A 167 1.68 2.65 7.02
N PHE A 168 1.58 1.54 6.31
CA PHE A 168 2.08 0.26 6.78
C PHE A 168 3.24 -0.16 5.92
N ALA A 169 4.39 -0.42 6.55
CA ALA A 169 5.53 -0.96 5.87
C ALA A 169 5.73 -2.40 6.33
N TYR A 170 5.30 -3.34 5.50
CA TYR A 170 5.39 -4.76 5.84
C TYR A 170 6.67 -5.35 5.27
N SER A 171 7.30 -6.23 6.03
CA SER A 171 8.51 -6.90 5.59
C SER A 171 8.27 -7.78 4.36
N THR A 172 7.02 -8.21 4.14
CA THR A 172 6.74 -9.13 3.04
C THR A 172 5.33 -8.92 2.48
N VAL A 173 5.09 -9.40 1.27
CA VAL A 173 3.74 -9.36 0.70
C VAL A 173 2.90 -10.46 1.32
N PRO A 174 1.57 -10.38 1.19
CA PRO A 174 0.76 -11.44 1.81
C PRO A 174 1.08 -12.81 1.23
N GLY A 175 1.10 -13.82 2.09
CA GLY A 175 1.21 -15.20 1.67
C GLY A 175 2.61 -15.73 1.64
N TYR A 176 3.59 -14.89 1.96
CA TYR A 176 4.98 -15.31 1.92
C TYR A 176 5.70 -15.22 3.27
N TYR A 177 6.87 -15.83 3.32
CA TYR A 177 7.74 -15.79 4.50
C TYR A 177 8.48 -14.46 4.59
N SER A 178 8.79 -14.08 5.82
CA SER A 178 9.72 -13.01 6.08
CA SER A 178 9.74 -13.01 6.09
C SER A 178 10.94 -13.64 6.73
N TRP A 179 12.13 -13.29 6.25
CA TRP A 179 13.35 -13.99 6.66
C TRP A 179 14.19 -13.26 7.70
N ARG A 180 14.81 -14.05 8.56
CA ARG A 180 15.63 -13.52 9.64
C ARG A 180 16.93 -14.32 9.75
N SER A 181 18.07 -13.63 9.75
CA SER A 181 19.34 -14.28 10.01
C SER A 181 19.62 -14.23 11.50
N PRO A 182 19.90 -15.39 12.11
CA PRO A 182 20.13 -15.39 13.56
C PRO A 182 21.30 -14.50 13.97
N GLY A 183 22.33 -14.40 13.14
CA GLY A 183 23.49 -13.61 13.51
C GLY A 183 23.39 -12.15 13.13
N ARG A 184 22.65 -11.88 12.06
CA ARG A 184 22.60 -10.52 11.53
C ARG A 184 21.30 -9.77 11.82
N GLY A 185 20.20 -10.52 11.98
CA GLY A 185 18.89 -9.91 12.13
C GLY A 185 18.00 -10.12 10.91
N SER A 186 16.82 -9.50 10.91
CA SER A 186 15.92 -9.68 9.80
C SER A 186 16.34 -8.86 8.60
N TRP A 187 16.10 -9.41 7.41
CA TRP A 187 16.47 -8.74 6.18
C TRP A 187 15.85 -7.36 6.08
N PHE A 188 14.55 -7.30 6.35
CA PHE A 188 13.80 -6.05 6.26
C PHE A 188 14.32 -4.98 7.22
N VAL A 189 14.52 -5.35 8.48
CA VAL A 189 15.01 -4.39 9.48
C VAL A 189 16.40 -3.89 9.14
N GLN A 190 17.29 -4.81 8.77
CA GLN A 190 18.64 -4.38 8.45
C GLN A 190 18.65 -3.44 7.21
N ALA A 191 17.83 -3.75 6.20
CA ALA A 191 17.70 -2.90 5.03
C ALA A 191 17.10 -1.56 5.41
N LEU A 192 16.04 -1.59 6.21
CA LEU A 192 15.35 -0.37 6.62
C LEU A 192 16.29 0.59 7.36
N CYS A 193 17.03 0.06 8.32
CA CYS A 193 17.93 0.92 9.10
CA CYS A 193 17.99 0.83 9.11
C CYS A 193 19.10 1.43 8.26
N SER A 194 19.58 0.63 7.32
CA SER A 194 20.67 1.05 6.44
C SER A 194 20.25 2.25 5.60
N ILE A 195 19.08 2.14 4.98
CA ILE A 195 18.57 3.21 4.14
C ILE A 195 18.24 4.45 4.97
N LEU A 196 17.64 4.26 6.16
CA LEU A 196 17.33 5.40 7.02
C LEU A 196 18.56 6.16 7.52
N GLU A 197 19.60 5.45 7.95
CA GLU A 197 20.78 6.16 8.46
CA GLU A 197 20.78 6.14 8.45
C GLU A 197 21.47 6.90 7.31
N GLU A 198 21.39 6.36 6.10
CA GLU A 198 22.01 7.01 4.95
CA GLU A 198 22.01 6.99 4.94
C GLU A 198 21.18 8.16 4.37
N HIS A 199 19.88 7.93 4.18
CA HIS A 199 19.01 8.85 3.44
C HIS A 199 17.83 9.39 4.23
N GLY A 200 17.71 8.99 5.50
CA GLY A 200 16.55 9.33 6.30
C GLY A 200 16.27 10.80 6.48
N LYS A 201 17.32 11.63 6.44
CA LYS A 201 17.18 13.07 6.60
C LYS A 201 17.08 13.81 5.27
N ASP A 202 17.06 13.08 4.17
CA ASP A 202 17.10 13.69 2.83
C ASP A 202 15.87 13.34 2.02
N LEU A 203 15.44 12.08 2.13
CA LEU A 203 14.44 11.58 1.20
C LEU A 203 13.06 11.46 1.83
N GLU A 204 12.05 11.42 0.97
CA GLU A 204 10.66 11.29 1.39
C GLU A 204 10.42 9.83 1.78
N ILE A 205 9.46 9.57 2.67
CA ILE A 205 9.30 8.21 3.19
CA ILE A 205 9.34 8.20 3.20
C ILE A 205 9.09 7.14 2.12
N MET A 206 8.35 7.48 1.06
CA MET A 206 8.15 6.50 0.00
C MET A 206 9.41 6.24 -0.81
N GLN A 207 10.25 7.26 -0.97
CA GLN A 207 11.54 7.06 -1.64
C GLN A 207 12.39 6.12 -0.81
N ILE A 208 12.35 6.32 0.52
CA ILE A 208 13.05 5.47 1.45
C ILE A 208 12.59 4.01 1.36
N LEU A 209 11.28 3.80 1.42
CA LEU A 209 10.75 2.44 1.48
C LEU A 209 10.90 1.72 0.13
N THR A 210 10.91 2.48 -0.96
CA THR A 210 11.14 1.92 -2.28
C THR A 210 12.58 1.37 -2.36
N ARG A 211 13.52 2.14 -1.84
CA ARG A 211 14.90 1.69 -1.76
C ARG A 211 15.02 0.46 -0.85
N VAL A 212 14.19 0.39 0.18
CA VAL A 212 14.17 -0.79 1.06
C VAL A 212 13.66 -2.01 0.30
N ASN A 213 12.61 -1.80 -0.49
CA ASN A 213 12.09 -2.87 -1.33
C ASN A 213 13.20 -3.41 -2.25
N ASP A 214 13.93 -2.50 -2.91
CA ASP A 214 15.01 -2.93 -3.81
C ASP A 214 16.11 -3.67 -3.04
N ARG A 215 16.50 -3.13 -1.90
CA ARG A 215 17.61 -3.71 -1.13
C ARG A 215 17.26 -5.13 -0.67
N VAL A 216 16.05 -5.33 -0.14
CA VAL A 216 15.66 -6.66 0.30
C VAL A 216 15.55 -7.63 -0.89
N ALA A 217 14.91 -7.17 -1.96
CA ALA A 217 14.75 -7.99 -3.16
C ALA A 217 16.07 -8.41 -3.81
N ARG A 218 17.07 -7.55 -3.77
CA ARG A 218 18.29 -7.80 -4.53
C ARG A 218 19.44 -8.38 -3.73
N HIS A 219 19.58 -7.97 -2.48
CA HIS A 219 20.82 -8.23 -1.75
C HIS A 219 20.70 -9.37 -0.76
N PHE A 220 19.55 -10.04 -0.75
CA PHE A 220 19.35 -11.14 0.17
C PHE A 220 18.78 -12.35 -0.55
N GLU A 221 19.22 -13.51 -0.11
CA GLU A 221 18.70 -14.79 -0.60
C GLU A 221 18.91 -15.83 0.50
N SER A 222 17.90 -16.67 0.74
CA SER A 222 17.94 -17.55 1.89
C SER A 222 18.95 -18.68 1.73
N GLN A 223 19.52 -19.10 2.84
CA GLN A 223 20.41 -20.27 2.86
CA GLN A 223 20.39 -20.29 2.84
C GLN A 223 19.86 -21.29 3.85
N SER A 224 19.66 -22.52 3.40
CA SER A 224 19.12 -23.57 4.25
C SER A 224 19.56 -24.94 3.75
N ASP A 225 19.78 -25.87 4.68
CA ASP A 225 20.06 -27.25 4.33
C ASP A 225 18.80 -27.88 3.73
N ASP A 226 17.65 -27.34 4.15
CA ASP A 226 16.35 -27.77 3.66
C ASP A 226 16.02 -27.00 2.37
N PRO A 227 15.74 -27.72 1.27
CA PRO A 227 15.43 -27.05 -0.01
C PRO A 227 14.17 -26.17 0.05
N HIS A 228 13.20 -26.53 0.88
CA HIS A 228 11.98 -25.74 0.99
C HIS A 228 12.26 -24.34 1.55
N PHE A 229 13.40 -24.19 2.22
CA PHE A 229 13.81 -22.90 2.77
C PHE A 229 15.12 -22.39 2.15
N HIS A 230 15.57 -23.05 1.10
CA HIS A 230 16.83 -22.72 0.46
C HIS A 230 16.66 -21.85 -0.79
N GLU A 231 17.52 -20.85 -0.94
CA GLU A 231 17.53 -19.97 -2.11
C GLU A 231 16.21 -19.24 -2.37
N LYS A 232 15.59 -18.73 -1.30
CA LYS A 232 14.33 -18.02 -1.44
C LYS A 232 14.53 -16.51 -1.42
N LYS A 233 13.58 -15.78 -2.00
CA LYS A 233 13.65 -14.34 -2.13
C LYS A 233 12.49 -13.68 -1.41
N GLN A 234 12.62 -12.40 -1.12
CA GLN A 234 11.61 -11.65 -0.37
C GLN A 234 11.40 -10.28 -1.00
N ILE A 235 10.13 -9.87 -1.08
CA ILE A 235 9.81 -8.50 -1.45
C ILE A 235 8.87 -7.86 -0.40
N PRO A 236 9.31 -6.75 0.21
CA PRO A 236 8.42 -6.09 1.17
C PRO A 236 7.24 -5.42 0.46
N CYS A 237 6.35 -4.83 1.24
CA CYS A 237 5.05 -4.35 0.76
C CYS A 237 4.68 -3.08 1.50
N VAL A 238 4.58 -1.93 0.81
CA VAL A 238 4.17 -0.69 1.48
C VAL A 238 2.72 -0.37 1.17
N VAL A 239 1.94 -0.10 2.21
CA VAL A 239 0.53 0.27 2.02
C VAL A 239 0.36 1.69 2.51
N SER A 240 0.10 2.62 1.60
CA SER A 240 0.02 4.03 1.98
C SER A 240 -1.37 4.62 1.83
N MET A 241 -1.85 5.18 2.94
CA MET A 241 -3.03 6.04 2.95
C MET A 241 -2.60 7.46 3.29
N LEU A 242 -1.32 7.77 3.06
CA LEU A 242 -0.85 9.11 3.36
C LEU A 242 -1.41 10.13 2.37
N THR A 243 -1.56 11.38 2.82
CA THR A 243 -2.18 12.42 2.01
C THR A 243 -1.18 13.54 1.70
N LYS A 244 0.02 13.42 2.25
CA LYS A 244 1.09 14.37 1.99
C LYS A 244 2.43 13.63 1.91
N GLU A 245 3.45 14.34 1.45
CA GLU A 245 4.80 13.84 1.48
C GLU A 245 5.34 13.97 2.90
N LEU A 246 6.09 12.96 3.34
CA LEU A 246 6.66 12.98 4.68
CA LEU A 246 6.66 12.96 4.69
C LEU A 246 8.18 13.02 4.62
N TYR A 247 8.75 14.12 5.10
CA TYR A 247 10.18 14.26 5.25
C TYR A 247 10.49 14.38 6.72
N PHE A 248 11.56 13.73 7.18
CA PHE A 248 11.97 13.83 8.58
C PHE A 248 12.92 15.00 8.80
N SER A 249 12.47 16.22 8.54
CA SER A 249 13.31 17.38 8.75
C SER A 249 12.52 18.55 9.34
N ALA B 3 19.46 8.00 -12.14
CA ALA B 3 19.02 6.94 -13.05
C ALA B 3 19.09 5.57 -12.40
N THR B 4 20.03 5.38 -11.47
CA THR B 4 20.12 4.09 -10.78
C THR B 4 18.93 3.88 -9.84
N TYR B 5 18.30 4.96 -9.42
CA TYR B 5 17.17 4.85 -8.51
C TYR B 5 15.81 4.98 -9.19
N GLN B 6 15.83 5.08 -10.52
CA GLN B 6 14.60 5.21 -11.29
CA GLN B 6 14.61 5.23 -11.31
C GLN B 6 14.48 4.08 -12.30
N TYR B 7 13.25 3.71 -12.64
CA TYR B 7 13.02 2.73 -13.69
C TYR B 7 13.48 3.35 -14.99
N ASN B 8 14.21 2.56 -15.79
CA ASN B 8 14.62 3.00 -17.12
C ASN B 8 13.40 3.21 -18.00
N MET B 9 13.27 4.41 -18.56
CA MET B 9 12.13 4.77 -19.41
CA MET B 9 12.12 4.72 -19.40
C MET B 9 12.53 4.89 -20.86
N ASN B 10 13.77 4.53 -21.17
CA ASN B 10 14.29 4.63 -22.54
C ASN B 10 13.90 3.41 -23.38
N PHE B 11 12.61 3.38 -23.74
CA PHE B 11 12.03 2.32 -24.55
C PHE B 11 11.24 2.97 -25.67
N GLU B 12 10.96 2.21 -26.72
CA GLU B 12 10.17 2.73 -27.84
C GLU B 12 8.79 3.19 -27.41
N LYS B 13 8.16 2.42 -26.53
CA LYS B 13 6.82 2.71 -26.05
C LYS B 13 6.80 2.84 -24.53
N LEU B 14 5.96 3.73 -24.02
CA LEU B 14 5.73 3.76 -22.57
C LEU B 14 5.11 2.43 -22.16
N GLY B 15 4.11 2.01 -22.92
CA GLY B 15 3.49 0.70 -22.71
C GLY B 15 2.00 0.60 -22.99
N LYS B 16 1.48 -0.63 -22.89
CA LYS B 16 0.05 -0.87 -23.00
C LYS B 16 -0.69 -0.47 -21.72
N CYS B 17 -1.84 0.17 -21.89
CA CYS B 17 -2.78 0.38 -20.80
C CYS B 17 -4.13 -0.24 -21.14
N ILE B 18 -4.50 -1.29 -20.43
CA ILE B 18 -5.79 -1.95 -20.65
C ILE B 18 -6.82 -1.43 -19.67
N ILE B 19 -7.95 -0.97 -20.18
CA ILE B 19 -9.05 -0.54 -19.32
C ILE B 19 -10.22 -1.50 -19.48
N ILE B 20 -10.64 -2.09 -18.36
CA ILE B 20 -11.83 -2.93 -18.35
C ILE B 20 -12.95 -2.13 -17.70
N ASN B 21 -13.93 -1.79 -18.52
CA ASN B 21 -14.99 -0.88 -18.11
C ASN B 21 -16.29 -1.64 -18.04
N ASN B 22 -16.64 -2.13 -16.86
CA ASN B 22 -17.85 -2.93 -16.71
C ASN B 22 -19.02 -2.11 -16.21
N LYS B 23 -19.98 -1.85 -17.10
CA LYS B 23 -21.09 -0.96 -16.79
C LYS B 23 -22.39 -1.71 -16.55
N ASN B 24 -22.63 -2.72 -17.40
CA ASN B 24 -23.90 -3.44 -17.42
C ASN B 24 -23.69 -4.87 -17.02
N PHE B 25 -24.55 -5.37 -16.13
CA PHE B 25 -24.33 -6.69 -15.54
C PHE B 25 -25.54 -7.58 -15.74
N ASP B 26 -25.28 -8.87 -15.93
CA ASP B 26 -26.37 -9.83 -16.04
C ASP B 26 -27.29 -9.72 -14.84
N LYS B 27 -28.60 -9.88 -15.07
CA LYS B 27 -29.57 -9.72 -13.99
C LYS B 27 -29.29 -10.69 -12.83
N VAL B 28 -28.75 -11.86 -13.15
CA VAL B 28 -28.52 -12.88 -12.12
C VAL B 28 -27.48 -12.43 -11.06
N THR B 29 -26.63 -11.49 -11.40
CA THR B 29 -25.63 -10.99 -10.45
C THR B 29 -26.26 -10.09 -9.38
N GLY B 30 -27.47 -9.61 -9.64
CA GLY B 30 -28.15 -8.66 -8.78
C GLY B 30 -27.54 -7.27 -8.77
N MET B 31 -26.57 -7.02 -9.65
CA MET B 31 -25.89 -5.74 -9.62
CA MET B 31 -25.84 -5.75 -9.67
C MET B 31 -26.46 -4.74 -10.62
N GLY B 32 -26.45 -3.47 -10.23
CA GLY B 32 -27.04 -2.42 -11.04
C GLY B 32 -26.08 -1.83 -12.04
N VAL B 33 -26.65 -1.05 -12.97
CA VAL B 33 -25.86 -0.34 -13.97
CA VAL B 33 -25.84 -0.35 -13.97
C VAL B 33 -24.95 0.66 -13.26
N ARG B 34 -23.72 0.79 -13.73
CA ARG B 34 -22.75 1.70 -13.11
C ARG B 34 -22.71 3.03 -13.82
N ASN B 35 -23.79 3.79 -13.69
CA ASN B 35 -23.87 5.09 -14.34
C ASN B 35 -22.70 5.96 -13.91
N GLY B 36 -22.07 6.60 -14.89
CA GLY B 36 -20.88 7.39 -14.63
C GLY B 36 -19.60 6.71 -15.07
N THR B 37 -19.62 5.39 -15.23
CA THR B 37 -18.38 4.71 -15.56
C THR B 37 -17.88 5.02 -16.98
N ASP B 38 -18.77 5.31 -17.91
CA ASP B 38 -18.29 5.67 -19.25
C ASP B 38 -17.50 6.98 -19.20
N LYS B 39 -17.90 7.89 -18.32
CA LYS B 39 -17.15 9.13 -18.14
C LYS B 39 -15.74 8.84 -17.62
N ASP B 40 -15.64 7.86 -16.72
CA ASP B 40 -14.34 7.45 -16.19
C ASP B 40 -13.49 6.87 -17.31
N ALA B 41 -14.06 5.97 -18.09
CA ALA B 41 -13.32 5.32 -19.17
C ALA B 41 -12.84 6.34 -20.21
N GLU B 42 -13.70 7.30 -20.54
CA GLU B 42 -13.34 8.38 -21.45
C GLU B 42 -12.23 9.23 -20.86
N ALA B 43 -12.37 9.57 -19.58
CA ALA B 43 -11.34 10.40 -18.93
C ALA B 43 -10.01 9.67 -18.88
N LEU B 44 -10.04 8.37 -18.56
CA LEU B 44 -8.81 7.60 -18.39
C LEU B 44 -8.13 7.41 -19.73
N PHE B 45 -8.92 7.17 -20.77
CA PHE B 45 -8.38 7.02 -22.11
C PHE B 45 -7.55 8.28 -22.42
N LYS B 46 -8.12 9.45 -22.14
CA LYS B 46 -7.42 10.71 -22.40
C LYS B 46 -6.20 10.91 -21.50
N CYS B 47 -6.40 10.77 -20.20
CA CYS B 47 -5.32 11.10 -19.28
C CYS B 47 -4.17 10.11 -19.32
N PHE B 48 -4.45 8.82 -19.54
CA PHE B 48 -3.37 7.86 -19.72
C PHE B 48 -2.69 7.99 -21.10
N ARG B 49 -3.45 8.31 -22.14
CA ARG B 49 -2.83 8.57 -23.43
C ARG B 49 -1.88 9.75 -23.36
N SER B 50 -2.26 10.77 -22.59
CA SER B 50 -1.40 11.95 -22.45
C SER B 50 -0.03 11.57 -21.88
N LEU B 51 0.00 10.59 -20.99
CA LEU B 51 1.25 10.13 -20.39
C LEU B 51 2.14 9.42 -21.41
N GLY B 52 1.53 8.84 -22.43
CA GLY B 52 2.27 8.10 -23.44
C GLY B 52 1.80 6.66 -23.61
N PHE B 53 0.80 6.24 -22.83
CA PHE B 53 0.33 4.86 -22.92
C PHE B 53 -0.46 4.60 -24.20
N ASP B 54 -0.36 3.37 -24.69
CA ASP B 54 -1.25 2.90 -25.75
C ASP B 54 -2.47 2.26 -25.07
N VAL B 55 -3.56 3.02 -25.03
CA VAL B 55 -4.74 2.63 -24.26
C VAL B 55 -5.74 1.85 -25.11
N ILE B 56 -6.21 0.72 -24.58
CA ILE B 56 -7.32 0.00 -25.21
C ILE B 56 -8.41 -0.23 -24.16
N VAL B 57 -9.66 0.04 -24.53
CA VAL B 57 -10.81 -0.12 -23.64
C VAL B 57 -11.65 -1.33 -24.03
N TYR B 58 -12.04 -2.14 -23.05
CA TYR B 58 -12.98 -3.24 -23.25
C TYR B 58 -14.17 -3.04 -22.34
N ASN B 59 -15.37 -3.08 -22.89
CA ASN B 59 -16.58 -2.73 -22.16
C ASN B 59 -17.46 -3.94 -21.90
N ASP B 60 -17.96 -4.07 -20.66
CA ASP B 60 -18.90 -5.13 -20.26
C ASP B 60 -18.33 -6.53 -20.50
N CYS B 61 -17.19 -6.80 -19.86
CA CYS B 61 -16.52 -8.10 -20.05
C CYS B 61 -17.05 -9.16 -19.09
N SER B 62 -17.25 -10.36 -19.62
CA SER B 62 -17.51 -11.51 -18.77
C SER B 62 -16.25 -11.86 -17.96
N CYS B 63 -16.43 -12.68 -16.95
CA CYS B 63 -15.27 -13.16 -16.18
C CYS B 63 -14.26 -13.87 -17.08
N ALA B 64 -14.75 -14.73 -17.97
CA ALA B 64 -13.84 -15.43 -18.89
C ALA B 64 -13.10 -14.45 -19.80
N LYS B 65 -13.79 -13.41 -20.24
CA LYS B 65 -13.18 -12.40 -21.12
C LYS B 65 -12.08 -11.60 -20.42
N MET B 66 -12.32 -11.21 -19.16
CA MET B 66 -11.31 -10.50 -18.38
C MET B 66 -10.06 -11.35 -18.24
N GLN B 67 -10.27 -12.62 -17.90
CA GLN B 67 -9.14 -13.54 -17.74
C GLN B 67 -8.39 -13.69 -19.07
N ASP B 68 -9.12 -13.85 -20.17
CA ASP B 68 -8.51 -14.04 -21.48
C ASP B 68 -7.75 -12.80 -21.94
N LEU B 69 -8.37 -11.64 -21.76
CA LEU B 69 -7.72 -10.37 -22.10
C LEU B 69 -6.38 -10.21 -21.44
N LEU B 70 -6.35 -10.43 -20.14
CA LEU B 70 -5.15 -10.19 -19.36
C LEU B 70 -4.10 -11.29 -19.58
N LYS B 71 -4.54 -12.54 -19.72
CA LYS B 71 -3.61 -13.60 -20.05
C LYS B 71 -2.96 -13.33 -21.40
N LYS B 72 -3.76 -12.99 -22.40
CA LYS B 72 -3.20 -12.70 -23.71
CA LYS B 72 -3.23 -12.68 -23.73
C LYS B 72 -2.29 -11.48 -23.67
N ALA B 73 -2.69 -10.45 -22.94
CA ALA B 73 -1.82 -9.27 -22.79
C ALA B 73 -0.46 -9.67 -22.21
N SER B 74 -0.48 -10.56 -21.21
CA SER B 74 0.76 -11.00 -20.57
C SER B 74 1.64 -11.82 -21.51
N GLU B 75 1.03 -12.34 -22.59
CA GLU B 75 1.74 -13.16 -23.56
C GLU B 75 2.25 -12.37 -24.76
N GLU B 76 1.90 -11.10 -24.84
CA GLU B 76 2.49 -10.23 -25.85
C GLU B 76 3.95 -9.98 -25.52
N ASP B 77 4.69 -9.48 -26.51
CA ASP B 77 6.09 -9.12 -26.32
C ASP B 77 6.19 -7.68 -25.86
N HIS B 78 6.56 -7.49 -24.59
CA HIS B 78 6.71 -6.16 -24.03
C HIS B 78 8.15 -5.67 -24.03
N THR B 79 9.01 -6.29 -24.83
CA THR B 79 10.43 -5.93 -24.85
C THR B 79 10.64 -4.42 -25.06
N ASN B 80 9.86 -3.84 -25.96
CA ASN B 80 10.01 -2.44 -26.32
CA ASN B 80 10.02 -2.44 -26.31
C ASN B 80 9.15 -1.49 -25.50
N ALA B 81 8.63 -1.97 -24.36
CA ALA B 81 7.79 -1.15 -23.49
C ALA B 81 8.46 -0.92 -22.14
N ALA B 82 8.26 0.27 -21.58
CA ALA B 82 8.86 0.62 -20.28
C ALA B 82 8.06 0.03 -19.12
N CYS B 83 6.77 -0.19 -19.35
CA CYS B 83 5.89 -0.63 -18.26
C CYS B 83 4.54 -1.13 -18.79
N PHE B 84 3.65 -1.51 -17.87
CA PHE B 84 2.33 -1.98 -18.23
C PHE B 84 1.32 -1.45 -17.22
N ALA B 85 0.13 -1.09 -17.69
CA ALA B 85 -0.90 -0.62 -16.78
C ALA B 85 -2.22 -1.27 -17.10
N CYS B 86 -3.02 -1.47 -16.05
CA CYS B 86 -4.35 -2.04 -16.20
C CYS B 86 -5.27 -1.31 -15.25
N ILE B 87 -6.43 -0.94 -15.74
CA ILE B 87 -7.41 -0.23 -14.92
C ILE B 87 -8.70 -1.04 -14.92
N LEU B 88 -9.18 -1.40 -13.74
CA LEU B 88 -10.40 -2.17 -13.60
C LEU B 88 -11.50 -1.26 -13.04
N LEU B 89 -12.61 -1.16 -13.78
CA LEU B 89 -13.75 -0.36 -13.32
C LEU B 89 -14.97 -1.28 -13.22
N SER B 90 -15.40 -1.55 -11.99
CA SER B 90 -16.55 -2.45 -11.80
C SER B 90 -17.13 -2.39 -10.41
N HIS B 91 -18.13 -3.24 -10.18
CA HIS B 91 -18.51 -3.59 -8.82
C HIS B 91 -17.44 -4.51 -8.24
N GLY B 92 -17.33 -4.48 -6.91
CA GLY B 92 -16.40 -5.36 -6.24
C GLY B 92 -16.80 -5.69 -4.83
N GLU B 93 -16.13 -6.71 -4.28
CA GLU B 93 -16.20 -7.03 -2.85
C GLU B 93 -14.75 -7.36 -2.47
N GLU B 94 -14.47 -7.65 -1.21
CA GLU B 94 -13.07 -7.83 -0.86
C GLU B 94 -12.43 -8.94 -1.70
N ASN B 95 -11.31 -8.58 -2.31
CA ASN B 95 -10.49 -9.47 -3.11
C ASN B 95 -11.03 -9.81 -4.50
N VAL B 96 -12.24 -9.37 -4.83
CA VAL B 96 -12.81 -9.73 -6.13
C VAL B 96 -13.37 -8.53 -6.87
N ILE B 97 -13.53 -8.73 -8.18
N ILE B 97 -13.49 -8.64 -8.18
CA ILE B 97 -14.12 -7.74 -9.07
CA ILE B 97 -14.29 -7.69 -8.92
C ILE B 97 -15.20 -8.42 -9.91
C ILE B 97 -15.32 -8.46 -9.70
N TYR B 98 -16.32 -7.75 -10.17
CA TYR B 98 -17.38 -8.37 -10.95
C TYR B 98 -17.09 -8.28 -12.44
N GLY B 99 -17.29 -9.40 -13.11
CA GLY B 99 -17.51 -9.36 -14.55
C GLY B 99 -19.01 -9.30 -14.78
N LYS B 100 -19.42 -9.35 -16.04
CA LYS B 100 -20.84 -9.25 -16.36
C LYS B 100 -21.64 -10.42 -15.78
N ASP B 101 -20.97 -11.55 -15.59
CA ASP B 101 -21.64 -12.81 -15.23
C ASP B 101 -21.22 -13.45 -13.90
N GLY B 102 -20.49 -12.73 -13.07
CA GLY B 102 -20.00 -13.34 -11.84
C GLY B 102 -18.85 -12.55 -11.27
N VAL B 103 -18.11 -13.15 -10.34
CA VAL B 103 -16.95 -12.48 -9.77
C VAL B 103 -15.66 -13.25 -10.00
N THR B 104 -14.56 -12.51 -10.09
CA THR B 104 -13.28 -13.15 -10.24
CA THR B 104 -13.23 -13.07 -10.32
C THR B 104 -12.25 -12.52 -9.29
N PRO B 105 -11.42 -13.38 -8.67
CA PRO B 105 -10.43 -12.81 -7.75
C PRO B 105 -9.43 -11.91 -8.48
N ILE B 106 -9.16 -10.72 -7.92
CA ILE B 106 -8.24 -9.77 -8.52
C ILE B 106 -6.85 -10.36 -8.64
N LYS B 107 -6.44 -11.13 -7.63
CA LYS B 107 -5.11 -11.74 -7.64
C LYS B 107 -4.92 -12.68 -8.82
N ASP B 108 -6.00 -13.34 -9.24
CA ASP B 108 -5.89 -14.24 -10.39
C ASP B 108 -5.71 -13.49 -11.71
N LEU B 109 -6.27 -12.28 -11.79
CA LEU B 109 -6.08 -11.43 -12.96
C LEU B 109 -4.68 -10.88 -13.02
N THR B 110 -4.13 -10.48 -11.88
CA THR B 110 -2.80 -9.85 -11.87
C THR B 110 -1.67 -10.87 -11.98
N ALA B 111 -1.96 -12.12 -11.65
CA ALA B 111 -0.93 -13.14 -11.56
C ALA B 111 -0.25 -13.41 -12.90
N HIS B 112 -0.95 -13.11 -14.00
CA HIS B 112 -0.42 -13.32 -15.34
C HIS B 112 0.83 -12.50 -15.59
N PHE B 113 1.03 -11.44 -14.81
CA PHE B 113 2.14 -10.52 -15.05
C PHE B 113 3.30 -10.72 -14.08
N ARG B 114 3.21 -11.77 -13.27
CA ARG B 114 4.29 -12.13 -12.35
C ARG B 114 5.60 -12.33 -13.10
N GLY B 115 6.70 -12.10 -12.40
CA GLY B 115 8.03 -12.17 -12.99
C GLY B 115 8.34 -13.50 -13.67
N ASP B 116 7.77 -14.58 -13.15
CA ASP B 116 8.01 -15.89 -13.72
C ASP B 116 6.98 -16.26 -14.79
N ARG B 117 6.04 -15.37 -15.07
CA ARG B 117 4.98 -15.63 -16.04
C ARG B 117 4.99 -14.67 -17.23
N CYS B 118 5.59 -13.50 -17.02
CA CYS B 118 5.68 -12.49 -18.07
C CYS B 118 7.11 -11.96 -18.12
N LYS B 119 7.96 -12.67 -18.87
CA LYS B 119 9.39 -12.39 -18.85
CA LYS B 119 9.39 -12.39 -18.85
C LYS B 119 9.77 -11.01 -19.40
N THR B 120 9.00 -10.53 -20.37
CA THR B 120 9.34 -9.26 -21.01
C THR B 120 8.89 -8.04 -20.21
N LEU B 121 8.22 -8.28 -19.09
CA LEU B 121 7.95 -7.22 -18.11
C LEU B 121 8.78 -7.36 -16.84
N LEU B 122 9.71 -8.31 -16.81
CA LEU B 122 10.62 -8.47 -15.67
C LEU B 122 11.40 -7.19 -15.42
N GLU B 123 11.46 -6.80 -14.16
CA GLU B 123 12.12 -5.56 -13.72
C GLU B 123 11.46 -4.28 -14.23
N LYS B 124 10.24 -4.38 -14.76
CA LYS B 124 9.47 -3.21 -15.18
C LYS B 124 8.20 -3.08 -14.35
N PRO B 125 7.76 -1.83 -14.10
CA PRO B 125 6.59 -1.62 -13.24
C PRO B 125 5.33 -2.15 -13.90
N LYS B 126 4.51 -2.82 -13.09
CA LYS B 126 3.21 -3.33 -13.51
C LYS B 126 2.20 -2.67 -12.60
N LEU B 127 1.36 -1.81 -13.18
CA LEU B 127 0.50 -0.91 -12.41
C LEU B 127 -0.95 -1.30 -12.60
N PHE B 128 -1.65 -1.49 -11.47
CA PHE B 128 -3.06 -1.85 -11.49
C PHE B 128 -3.83 -0.80 -10.72
N PHE B 129 -4.86 -0.22 -11.36
CA PHE B 129 -5.69 0.80 -10.74
C PHE B 129 -7.07 0.19 -10.64
N ILE B 130 -7.66 0.18 -9.44
CA ILE B 130 -8.89 -0.56 -9.25
CA ILE B 130 -8.88 -0.56 -9.23
C ILE B 130 -9.99 0.29 -8.61
N GLN B 131 -10.99 0.63 -9.42
CA GLN B 131 -12.18 1.34 -8.94
C GLN B 131 -13.25 0.27 -8.71
N ALA B 132 -13.49 -0.04 -7.44
CA ALA B 132 -14.47 -1.06 -7.00
C ALA B 132 -14.56 -1.01 -5.49
N CYS B 133 -15.72 -1.39 -4.95
CA CYS B 133 -15.84 -1.56 -3.51
C CYS B 133 -14.99 -2.73 -3.02
N ARG B 134 -14.65 -2.68 -1.74
CA ARG B 134 -13.85 -3.72 -1.13
C ARG B 134 -14.52 -4.21 0.16
N GLY B 135 -15.81 -3.90 0.30
CA GLY B 135 -16.57 -4.17 1.52
C GLY B 135 -17.76 -3.24 1.64
N THR B 136 -18.38 -3.22 2.81
CA THR B 136 -19.58 -2.41 3.03
C THR B 136 -19.46 -1.46 4.21
N GLU B 137 -18.23 -1.09 4.58
CA GLU B 137 -18.06 -0.11 5.64
CA GLU B 137 -18.04 -0.11 5.63
C GLU B 137 -18.07 1.29 5.04
N LEU B 138 -18.65 2.23 5.77
CA LEU B 138 -18.65 3.63 5.36
C LEU B 138 -17.67 4.40 6.23
N ASP B 139 -17.03 5.40 5.64
CA ASP B 139 -16.20 6.32 6.39
C ASP B 139 -17.02 7.57 6.66
N ASP B 140 -17.42 7.78 7.91
CA ASP B 140 -18.21 8.95 8.29
C ASP B 140 -17.39 10.22 8.29
N GLY B 141 -16.07 10.07 8.31
CA GLY B 141 -15.18 11.22 8.39
C GLY B 141 -15.15 11.83 9.78
N ILE B 142 -14.34 12.86 9.94
CA ILE B 142 -14.17 13.54 11.21
C ILE B 142 -13.69 14.95 10.87
N GLN B 143 -14.12 15.94 11.65
CA GLN B 143 -13.87 17.34 11.31
C GLN B 143 -12.38 17.70 11.17
N ALA B 144 -12.03 18.28 10.03
CA ALA B 144 -10.64 18.61 9.71
C ALA B 144 -10.05 19.61 10.71
N LYS B 159 18.30 -12.97 -9.72
CA LYS B 159 16.85 -13.10 -9.82
C LYS B 159 16.14 -12.20 -8.80
N ILE B 160 14.87 -11.93 -9.04
CA ILE B 160 14.07 -11.12 -8.13
C ILE B 160 12.73 -11.79 -7.80
N PRO B 161 12.11 -11.39 -6.68
CA PRO B 161 10.82 -12.01 -6.32
C PRO B 161 9.80 -11.83 -7.45
N VAL B 162 8.97 -12.84 -7.65
CA VAL B 162 7.98 -12.81 -8.71
C VAL B 162 6.92 -11.73 -8.51
N GLU B 163 6.76 -11.26 -7.28
CA GLU B 163 5.76 -10.24 -7.02
C GLU B 163 6.36 -8.83 -6.94
N ALA B 164 7.66 -8.72 -7.18
CA ALA B 164 8.31 -7.41 -7.21
C ALA B 164 7.82 -6.60 -8.42
N ASP B 165 7.88 -5.28 -8.26
CA ASP B 165 7.60 -4.31 -9.30
C ASP B 165 6.13 -4.22 -9.67
N PHE B 166 5.25 -4.63 -8.75
CA PHE B 166 3.82 -4.37 -8.93
C PHE B 166 3.44 -3.17 -8.07
N LEU B 167 2.46 -2.41 -8.51
CA LEU B 167 1.80 -1.41 -7.67
C LEU B 167 0.32 -1.56 -7.90
N PHE B 168 -0.43 -1.55 -6.80
CA PHE B 168 -1.89 -1.54 -6.83
C PHE B 168 -2.39 -0.23 -6.26
N ALA B 169 -3.08 0.54 -7.09
CA ALA B 169 -3.75 1.74 -6.62
C ALA B 169 -5.24 1.49 -6.49
N TYR B 170 -5.68 1.23 -5.26
CA TYR B 170 -7.09 0.95 -4.99
C TYR B 170 -7.83 2.23 -4.70
N SER B 171 -9.06 2.31 -5.18
CA SER B 171 -9.87 3.50 -4.92
C SER B 171 -10.25 3.69 -3.45
N THR B 172 -10.24 2.61 -2.68
CA THR B 172 -10.67 2.67 -1.30
C THR B 172 -9.88 1.64 -0.47
N VAL B 173 -9.95 1.77 0.84
CA VAL B 173 -9.22 0.87 1.74
C VAL B 173 -9.99 -0.42 1.91
N PRO B 174 -9.30 -1.50 2.36
CA PRO B 174 -9.99 -2.79 2.46
C PRO B 174 -11.19 -2.71 3.39
N GLY B 175 -12.29 -3.34 2.98
CA GLY B 175 -13.48 -3.40 3.81
C GLY B 175 -14.46 -2.26 3.58
N TYR B 176 -14.08 -1.29 2.75
CA TYR B 176 -14.90 -0.09 2.59
C TYR B 176 -15.55 0.03 1.22
N TYR B 177 -16.65 0.80 1.17
CA TYR B 177 -17.29 1.20 -0.09
C TYR B 177 -16.36 2.13 -0.88
N SER B 178 -16.64 2.26 -2.18
CA SER B 178 -15.99 3.20 -3.09
C SER B 178 -17.08 3.94 -3.84
N TRP B 179 -16.92 5.25 -4.03
CA TRP B 179 -18.03 6.09 -4.47
C TRP B 179 -17.94 6.52 -5.92
N ARG B 180 -19.11 6.67 -6.52
CA ARG B 180 -19.23 7.07 -7.92
C ARG B 180 -20.40 8.03 -8.07
N SER B 181 -20.17 9.18 -8.68
CA SER B 181 -21.24 10.12 -8.96
C SER B 181 -21.75 9.87 -10.37
N PRO B 182 -23.05 9.58 -10.51
CA PRO B 182 -23.56 9.14 -11.82
C PRO B 182 -23.32 10.07 -13.01
N GLY B 183 -23.26 11.38 -12.82
CA GLY B 183 -23.06 12.26 -13.95
C GLY B 183 -21.64 12.76 -14.09
N ARG B 184 -20.75 12.25 -13.25
CA ARG B 184 -19.39 12.75 -13.18
CA ARG B 184 -19.39 12.75 -13.14
C ARG B 184 -18.36 11.63 -13.28
N GLY B 185 -18.68 10.48 -12.71
CA GLY B 185 -17.72 9.38 -12.63
C GLY B 185 -17.29 9.08 -11.22
N SER B 186 -16.43 8.09 -11.05
CA SER B 186 -15.97 7.74 -9.69
C SER B 186 -15.03 8.82 -9.15
N TRP B 187 -15.03 9.00 -7.82
CA TRP B 187 -14.21 10.04 -7.21
C TRP B 187 -12.74 9.76 -7.44
N PHE B 188 -12.37 8.48 -7.34
CA PHE B 188 -10.98 8.09 -7.51
C PHE B 188 -10.50 8.38 -8.93
N VAL B 189 -11.29 8.01 -9.93
CA VAL B 189 -10.87 8.28 -11.30
C VAL B 189 -10.81 9.77 -11.58
N GLN B 190 -11.80 10.54 -11.10
CA GLN B 190 -11.80 12.00 -11.24
CA GLN B 190 -11.77 11.98 -11.30
C GLN B 190 -10.48 12.57 -10.75
N ALA B 191 -10.15 12.19 -9.51
CA ALA B 191 -8.96 12.69 -8.85
C ALA B 191 -7.69 12.24 -9.57
N LEU B 192 -7.66 10.96 -9.94
CA LEU B 192 -6.51 10.37 -10.62
C LEU B 192 -6.20 11.12 -11.91
N CYS B 193 -7.22 11.28 -12.75
CA CYS B 193 -7.00 12.01 -14.00
C CYS B 193 -6.63 13.46 -13.75
N SER B 194 -7.29 14.12 -12.81
CA SER B 194 -6.95 15.55 -12.62
C SER B 194 -5.49 15.74 -12.18
N ILE B 195 -5.00 14.89 -11.29
CA ILE B 195 -3.61 14.95 -10.85
C ILE B 195 -2.65 14.55 -11.99
N LEU B 196 -2.99 13.52 -12.74
CA LEU B 196 -2.14 13.10 -13.85
C LEU B 196 -2.03 14.19 -14.92
N GLU B 197 -3.15 14.86 -15.20
CA GLU B 197 -3.16 15.93 -16.18
CA GLU B 197 -3.15 15.94 -16.20
C GLU B 197 -2.32 17.12 -15.71
N GLU B 198 -2.41 17.42 -14.42
CA GLU B 198 -1.71 18.57 -13.83
CA GLU B 198 -1.69 18.58 -13.91
C GLU B 198 -0.20 18.31 -13.64
N HIS B 199 0.15 17.08 -13.25
CA HIS B 199 1.49 16.78 -12.74
C HIS B 199 2.11 15.49 -13.27
N GLY B 200 1.39 14.77 -14.12
CA GLY B 200 1.81 13.44 -14.51
C GLY B 200 3.13 13.36 -15.25
N LYS B 201 3.54 14.44 -15.87
CA LYS B 201 4.78 14.46 -16.64
C LYS B 201 5.92 15.03 -15.80
N ASP B 202 5.64 15.33 -14.54
CA ASP B 202 6.61 15.96 -13.64
C ASP B 202 6.95 15.15 -12.40
N LEU B 203 5.94 14.51 -11.81
CA LEU B 203 6.08 13.90 -10.49
C LEU B 203 6.28 12.39 -10.55
N GLU B 204 6.81 11.83 -9.46
CA GLU B 204 7.02 10.40 -9.34
C GLU B 204 5.67 9.77 -9.02
N ILE B 205 5.47 8.50 -9.36
CA ILE B 205 4.15 7.88 -9.21
CA ILE B 205 4.15 7.89 -9.21
C ILE B 205 3.61 7.94 -7.78
N MET B 206 4.48 7.81 -6.78
CA MET B 206 3.97 7.86 -5.40
C MET B 206 3.60 9.28 -5.03
N GLN B 207 4.34 10.27 -5.55
CA GLN B 207 3.93 11.66 -5.35
C GLN B 207 2.55 11.90 -5.96
N ILE B 208 2.31 11.31 -7.13
CA ILE B 208 1.05 11.47 -7.81
C ILE B 208 -0.05 10.83 -6.98
N LEU B 209 0.18 9.59 -6.57
CA LEU B 209 -0.88 8.87 -5.87
C LEU B 209 -1.17 9.45 -4.49
N THR B 210 -0.16 10.06 -3.87
CA THR B 210 -0.36 10.71 -2.58
C THR B 210 -1.26 11.92 -2.76
N ARG B 211 -1.04 12.66 -3.83
CA ARG B 211 -1.91 13.80 -4.13
C ARG B 211 -3.32 13.33 -4.49
N VAL B 212 -3.43 12.16 -5.12
CA VAL B 212 -4.74 11.58 -5.39
C VAL B 212 -5.44 11.24 -4.07
N ASN B 213 -4.70 10.62 -3.14
CA ASN B 213 -5.26 10.32 -1.83
C ASN B 213 -5.84 11.57 -1.18
N ASP B 214 -5.05 12.66 -1.17
CA ASP B 214 -5.50 13.89 -0.54
C ASP B 214 -6.72 14.46 -1.25
N ARG B 215 -6.69 14.43 -2.57
CA ARG B 215 -7.79 15.02 -3.35
C ARG B 215 -9.09 14.27 -3.08
N VAL B 216 -9.03 12.95 -3.11
CA VAL B 216 -10.24 12.17 -2.81
C VAL B 216 -10.71 12.44 -1.38
N ALA B 217 -9.77 12.50 -0.45
CA ALA B 217 -10.07 12.72 0.97
C ALA B 217 -10.70 14.08 1.23
N ARG B 218 -10.27 15.11 0.48
CA ARG B 218 -10.66 16.49 0.79
C ARG B 218 -11.71 17.12 -0.12
N HIS B 219 -11.73 16.71 -1.37
CA HIS B 219 -12.58 17.39 -2.35
C HIS B 219 -13.92 16.69 -2.59
N PHE B 220 -14.14 15.55 -1.95
CA PHE B 220 -15.36 14.78 -2.19
C PHE B 220 -16.08 14.43 -0.91
N GLU B 221 -17.40 14.44 -0.97
CA GLU B 221 -18.24 14.00 0.15
C GLU B 221 -19.57 13.57 -0.45
N SER B 222 -20.10 12.45 0.00
CA SER B 222 -21.26 11.89 -0.67
C SER B 222 -22.55 12.70 -0.45
N GLN B 223 -23.40 12.65 -1.47
CA GLN B 223 -24.71 13.30 -1.43
CA GLN B 223 -24.71 13.30 -1.44
C GLN B 223 -25.76 12.24 -1.70
N SER B 224 -26.72 12.09 -0.79
CA SER B 224 -27.78 11.10 -1.01
C SER B 224 -29.06 11.47 -0.28
N ASP B 225 -30.22 11.13 -0.88
CA ASP B 225 -31.50 11.34 -0.18
CA ASP B 225 -31.51 11.29 -0.22
C ASP B 225 -31.68 10.20 0.84
N ASP B 226 -30.82 9.19 0.76
CA ASP B 226 -30.79 8.08 1.71
C ASP B 226 -29.80 8.46 2.80
N PRO B 227 -30.30 8.69 4.03
CA PRO B 227 -29.47 9.24 5.11
C PRO B 227 -28.24 8.40 5.38
N HIS B 228 -28.38 7.09 5.26
CA HIS B 228 -27.30 6.18 5.57
C HIS B 228 -26.08 6.44 4.70
N PHE B 229 -26.30 6.94 3.50
CA PHE B 229 -25.25 7.12 2.53
C PHE B 229 -24.91 8.57 2.23
N HIS B 230 -25.37 9.46 3.10
CA HIS B 230 -25.18 10.89 2.92
C HIS B 230 -24.00 11.40 3.75
N GLU B 231 -23.23 12.31 3.17
CA GLU B 231 -22.12 12.97 3.85
C GLU B 231 -20.99 12.03 4.27
N LYS B 232 -20.74 11.03 3.43
CA LYS B 232 -19.66 10.08 3.69
C LYS B 232 -18.40 10.42 2.90
N LYS B 233 -17.28 9.86 3.37
CA LYS B 233 -15.95 10.18 2.85
C LYS B 233 -15.25 8.95 2.33
N GLN B 234 -14.12 9.17 1.65
CA GLN B 234 -13.36 8.06 1.08
C GLN B 234 -11.87 8.38 1.12
N ILE B 235 -11.06 7.36 1.39
CA ILE B 235 -9.60 7.45 1.23
C ILE B 235 -9.13 6.24 0.40
N PRO B 236 -8.33 6.50 -0.66
CA PRO B 236 -7.78 5.40 -1.46
C PRO B 236 -6.62 4.73 -0.72
N CYS B 237 -6.03 3.72 -1.36
CA CYS B 237 -5.08 2.82 -0.70
C CYS B 237 -4.06 2.39 -1.74
N VAL B 238 -2.79 2.78 -1.56
CA VAL B 238 -1.75 2.44 -2.52
C VAL B 238 -0.91 1.31 -1.93
N VAL B 239 -0.80 0.21 -2.68
CA VAL B 239 0.05 -0.89 -2.24
C VAL B 239 1.23 -0.98 -3.19
N SER B 240 2.45 -0.70 -2.70
CA SER B 240 3.60 -0.69 -3.60
C SER B 240 4.63 -1.77 -3.28
N MET B 241 4.96 -2.56 -4.31
CA MET B 241 6.11 -3.46 -4.31
C MET B 241 7.14 -2.95 -5.31
N LEU B 242 7.06 -1.67 -5.65
CA LEU B 242 8.01 -1.13 -6.61
C LEU B 242 9.40 -1.10 -6.01
N THR B 243 10.43 -1.21 -6.86
CA THR B 243 11.80 -1.26 -6.37
C THR B 243 12.60 -0.05 -6.85
N LYS B 244 11.95 0.81 -7.64
CA LYS B 244 12.58 2.04 -8.13
C LYS B 244 11.54 3.15 -8.21
N GLU B 245 12.00 4.38 -8.40
CA GLU B 245 11.10 5.48 -8.66
C GLU B 245 10.60 5.45 -10.10
N LEU B 246 9.34 5.80 -10.29
CA LEU B 246 8.72 5.80 -11.62
C LEU B 246 8.31 7.20 -12.03
N TYR B 247 8.99 7.72 -13.06
CA TYR B 247 8.60 8.98 -13.68
C TYR B 247 8.13 8.71 -15.11
N PHE B 248 7.07 9.38 -15.53
CA PHE B 248 6.60 9.30 -16.91
C PHE B 248 7.28 10.41 -17.72
N SER B 249 8.60 10.43 -17.72
CA SER B 249 9.35 11.48 -18.40
C SER B 249 9.62 11.09 -19.85
N ASP C 2 19.30 -19.49 7.75
CA ASP C 2 18.22 -18.51 7.87
C ASP C 2 16.95 -19.11 8.45
N GLU C 3 16.18 -18.26 9.13
CA GLU C 3 14.93 -18.67 9.76
C GLU C 3 13.80 -17.78 9.28
N VAL C 4 12.57 -18.24 9.44
CA VAL C 4 11.41 -17.45 9.05
C VAL C 4 10.61 -17.03 10.27
N ASP C 5 9.84 -15.95 10.10
CA ASP C 5 9.02 -15.38 11.17
C ASP C 5 7.54 -15.68 10.94
N ASP D 2 -25.36 10.17 -5.16
CA ASP D 2 -24.17 9.34 -5.37
C ASP D 2 -24.47 7.85 -5.19
N GLU D 3 -23.63 7.03 -5.83
CA GLU D 3 -23.80 5.58 -5.81
C GLU D 3 -22.49 4.91 -5.39
N VAL D 4 -22.58 3.65 -5.00
CA VAL D 4 -21.38 2.91 -4.61
C VAL D 4 -21.12 1.73 -5.54
N ASP D 5 -19.87 1.27 -5.56
CA ASP D 5 -19.45 0.15 -6.43
C ASP D 5 -19.26 -1.19 -5.73
#